data_2PF5
#
_entry.id   2PF5
#
_cell.length_a   134.816
_cell.length_b   75.870
_cell.length_c   90.674
_cell.angle_alpha   90.00
_cell.angle_beta   103.42
_cell.angle_gamma   90.00
#
_symmetry.space_group_name_H-M   'C 1 2 1'
#
loop_
_entity.id
_entity.type
_entity.pdbx_description
1 polymer 'Tumor necrosis factor-inducible protein TSG-6'
2 non-polymer 'SULFATE ION'
3 non-polymer 'NONAETHYLENE GLYCOL'
4 water water
#
_entity_poly.entity_id   1
_entity_poly.type   'polypeptide(L)'
_entity_poly.pdbx_seq_one_letter_code
;GVYHREARSGKYKLTYAEAKAVCEFEGGHLATYKQLEAARKIGFHVCAAGWMAKGRVGYPIVKPGPNCGFGKTGIIDYGI
RLNRSERWDAYCYNPHAK
;
_entity_poly.pdbx_strand_id   A,B,C,D,E
#
# COMPACT_ATOMS: atom_id res chain seq x y z
N GLY A 1 2.74 0.40 2.07
CA GLY A 1 2.87 -1.07 2.29
C GLY A 1 3.07 -1.25 3.78
N VAL A 2 3.77 -2.29 4.16
CA VAL A 2 3.94 -2.66 5.56
C VAL A 2 5.37 -2.31 5.98
N TYR A 3 5.56 -1.86 7.21
CA TYR A 3 6.90 -1.59 7.69
C TYR A 3 7.03 -1.76 9.20
N HIS A 4 8.27 -1.84 9.66
CA HIS A 4 8.56 -2.10 11.08
C HIS A 4 8.94 -0.78 11.75
N ARG A 5 8.48 -0.58 12.98
CA ARG A 5 8.86 0.62 13.74
CA ARG A 5 8.85 0.62 13.74
C ARG A 5 9.20 0.25 15.19
N GLU A 6 10.26 0.85 15.71
CA GLU A 6 10.62 0.79 17.14
C GLU A 6 10.18 2.08 17.83
N ALA A 7 9.94 2.01 19.15
CA ALA A 7 9.96 3.23 19.97
C ALA A 7 11.27 4.03 19.78
N ARG A 8 11.17 5.34 19.98
CA ARG A 8 12.36 6.22 19.99
C ARG A 8 13.41 5.67 20.96
N SER A 9 12.94 5.11 22.09
CA SER A 9 13.84 4.68 23.19
C SER A 9 14.52 3.33 22.89
N GLY A 10 14.11 2.67 21.81
CA GLY A 10 14.79 1.47 21.30
C GLY A 10 13.89 0.27 21.13
N LYS A 11 14.51 -0.90 21.03
CA LYS A 11 13.86 -2.17 20.68
C LYS A 11 12.96 -2.65 21.84
N TYR A 12 11.77 -3.13 21.48
CA TYR A 12 10.78 -3.73 22.39
C TYR A 12 10.42 -2.78 23.53
N LYS A 13 9.88 -1.62 23.18
CA LYS A 13 9.51 -0.62 24.16
C LYS A 13 8.11 -0.03 23.91
N LEU A 14 7.33 -0.65 23.03
CA LEU A 14 5.95 -0.19 22.78
C LEU A 14 4.92 -1.15 23.34
N THR A 15 3.98 -0.62 24.13
CA THR A 15 2.79 -1.39 24.52
C THR A 15 1.90 -1.47 23.29
N TYR A 16 0.85 -2.30 23.35
CA TYR A 16 -0.08 -2.42 22.24
C TYR A 16 -0.67 -1.05 21.89
N ALA A 17 -1.16 -0.32 22.90
CA ALA A 17 -1.78 1.00 22.65
C ALA A 17 -0.76 1.97 22.04
N GLU A 18 0.48 1.91 22.49
CA GLU A 18 1.52 2.80 21.97
C GLU A 18 1.87 2.46 20.53
N ALA A 19 1.98 1.17 20.28
CA ALA A 19 2.20 0.68 18.90
C ALA A 19 1.09 1.20 17.95
N LYS A 20 -0.16 0.98 18.33
CA LYS A 20 -1.28 1.49 17.57
C LYS A 20 -1.20 3.01 17.34
N ALA A 21 -0.91 3.79 18.41
CA ALA A 21 -0.73 5.22 18.30
C ALA A 21 0.42 5.65 17.36
N VAL A 22 1.54 4.92 17.40
CA VAL A 22 2.68 5.23 16.52
C VAL A 22 2.30 5.02 15.03
N CYS A 23 1.65 3.91 14.72
CA CYS A 23 1.22 3.68 13.31
C CYS A 23 0.21 4.77 12.86
N GLU A 24 -0.71 5.15 13.75
CA GLU A 24 -1.66 6.21 13.47
C GLU A 24 -0.97 7.57 13.27
N PHE A 25 0.00 7.84 14.12
CA PHE A 25 0.72 9.10 14.08
C PHE A 25 1.40 9.26 12.72
N GLU A 26 1.84 8.15 12.15
CA GLU A 26 2.59 8.21 10.90
C GLU A 26 1.66 8.10 9.69
N GLY A 27 0.36 8.09 9.95
CA GLY A 27 -0.66 8.17 8.91
C GLY A 27 -1.38 6.86 8.57
N GLY A 28 -1.07 5.79 9.30
CA GLY A 28 -1.61 4.47 9.02
C GLY A 28 -2.31 3.82 10.20
N HIS A 29 -2.19 2.50 10.27
CA HIS A 29 -2.79 1.65 11.30
C HIS A 29 -1.86 0.49 11.50
N LEU A 30 -2.07 -0.32 12.55
CA LEU A 30 -1.30 -1.54 12.69
C LEU A 30 -1.65 -2.45 11.50
N ALA A 31 -0.61 -3.11 11.01
CA ALA A 31 -0.81 -4.06 9.88
C ALA A 31 -1.65 -5.24 10.39
N THR A 32 -2.52 -5.77 9.55
CA THR A 32 -3.12 -7.06 9.84
C THR A 32 -2.15 -8.19 9.59
N TYR A 33 -2.44 -9.35 10.17
CA TYR A 33 -1.67 -10.54 9.86
C TYR A 33 -1.62 -10.81 8.35
N LYS A 34 -2.75 -10.70 7.66
CA LYS A 34 -2.75 -11.00 6.21
C LYS A 34 -1.89 -10.00 5.42
N GLN A 35 -1.85 -8.74 5.89
CA GLN A 35 -1.02 -7.70 5.29
C GLN A 35 0.45 -7.99 5.51
N LEU A 36 0.81 -8.32 6.75
CA LEU A 36 2.17 -8.70 7.08
C LEU A 36 2.59 -9.93 6.25
N GLU A 37 1.70 -10.91 6.11
CA GLU A 37 2.00 -12.11 5.33
C GLU A 37 2.25 -11.82 3.83
N ALA A 38 1.36 -11.00 3.24
CA ALA A 38 1.54 -10.55 1.86
C ALA A 38 2.88 -9.79 1.71
N ALA A 39 3.18 -8.91 2.65
CA ALA A 39 4.49 -8.22 2.60
C ALA A 39 5.67 -9.21 2.60
N ARG A 40 5.57 -10.22 3.47
CA ARG A 40 6.61 -11.26 3.59
C ARG A 40 6.76 -12.07 2.28
N LYS A 41 5.64 -12.38 1.64
CA LYS A 41 5.70 -13.10 0.36
CA LYS A 41 5.62 -13.07 0.34
C LYS A 41 6.44 -12.33 -0.72
N ILE A 42 6.53 -11.01 -0.58
CA ILE A 42 7.29 -10.21 -1.54
C ILE A 42 8.54 -9.58 -0.93
N GLY A 43 9.07 -10.23 0.12
CA GLY A 43 10.47 -10.07 0.52
C GLY A 43 10.68 -9.35 1.86
N PHE A 44 9.60 -9.03 2.56
CA PHE A 44 9.67 -8.29 3.81
C PHE A 44 10.10 -9.22 4.94
N HIS A 45 11.28 -8.96 5.50
CA HIS A 45 11.93 -9.81 6.52
CA HIS A 45 11.81 -9.78 6.59
C HIS A 45 12.41 -8.87 7.64
N VAL A 46 11.99 -9.10 8.88
CA VAL A 46 12.52 -8.35 10.03
C VAL A 46 12.58 -9.32 11.22
N CYS A 47 13.75 -9.45 11.83
CA CYS A 47 13.86 -10.35 13.00
C CYS A 47 13.57 -9.57 14.28
N ALA A 48 12.33 -9.16 14.44
CA ALA A 48 11.90 -8.37 15.61
C ALA A 48 10.40 -8.51 15.79
N ALA A 49 10.00 -9.05 16.95
CA ALA A 49 8.59 -9.26 17.23
C ALA A 49 7.93 -7.88 17.36
N GLY A 50 6.76 -7.73 16.78
CA GLY A 50 6.00 -6.51 16.88
C GLY A 50 4.50 -6.71 17.01
N TRP A 51 3.84 -5.75 17.65
CA TRP A 51 2.39 -5.67 17.66
C TRP A 51 1.82 -5.48 16.23
N MET A 52 0.67 -6.12 16.01
CA MET A 52 -0.08 -5.95 14.78
C MET A 52 -1.57 -5.94 15.11
N ALA A 53 -2.44 -5.88 14.10
CA ALA A 53 -3.85 -5.73 14.34
C ALA A 53 -4.38 -6.83 15.29
N LYS A 54 -5.35 -6.42 16.11
CA LYS A 54 -6.04 -7.33 17.02
C LYS A 54 -5.23 -7.70 18.26
N GLY A 55 -4.07 -7.09 18.41
CA GLY A 55 -3.14 -7.41 19.47
C GLY A 55 -2.31 -8.67 19.32
N ARG A 56 -2.21 -9.19 18.10
CA ARG A 56 -1.22 -10.20 17.78
C ARG A 56 0.20 -9.66 17.83
N VAL A 57 1.17 -10.51 18.15
CA VAL A 57 2.57 -10.14 18.06
C VAL A 57 3.22 -11.19 17.17
N GLY A 58 4.12 -10.77 16.30
CA GLY A 58 4.84 -11.77 15.52
C GLY A 58 5.89 -11.08 14.68
N TYR A 59 6.50 -11.83 13.78
CA TYR A 59 7.50 -11.19 12.89
C TYR A 59 7.72 -12.03 11.65
N PRO A 60 8.02 -11.35 10.52
CA PRO A 60 8.13 -12.08 9.25
C PRO A 60 9.53 -12.61 8.94
N ILE A 61 9.59 -13.91 8.63
CA ILE A 61 10.84 -14.52 8.13
CA ILE A 61 10.84 -14.55 8.14
C ILE A 61 10.69 -14.93 6.65
N VAL A 62 11.63 -14.47 5.83
CA VAL A 62 11.68 -14.86 4.41
C VAL A 62 12.70 -15.99 4.22
N LYS A 63 13.86 -15.86 4.85
CA LYS A 63 14.92 -16.88 4.80
C LYS A 63 15.37 -17.28 6.20
N PRO A 64 15.37 -18.60 6.48
CA PRO A 64 15.73 -19.07 7.83
C PRO A 64 17.23 -18.91 8.13
N LYS A 72 13.18 -19.79 9.92
CA LYS A 72 12.03 -20.69 9.85
C LYS A 72 10.87 -20.02 9.13
N THR A 73 10.82 -20.15 7.81
CA THR A 73 10.07 -19.19 6.98
C THR A 73 8.57 -19.08 7.34
N GLY A 74 8.04 -17.88 7.21
CA GLY A 74 6.67 -17.59 7.56
C GLY A 74 6.68 -16.52 8.63
N ILE A 75 5.49 -16.16 9.12
CA ILE A 75 5.36 -15.28 10.26
C ILE A 75 5.47 -16.14 11.51
N ILE A 76 6.37 -15.78 12.41
CA ILE A 76 6.48 -16.47 13.70
C ILE A 76 5.38 -15.84 14.54
N ASP A 77 4.41 -16.66 14.97
CA ASP A 77 3.22 -16.12 15.64
C ASP A 77 3.45 -16.20 17.18
N TYR A 78 3.51 -15.06 17.86
CA TYR A 78 3.53 -15.05 19.34
C TYR A 78 2.10 -14.96 19.88
N GLY A 79 1.12 -14.99 18.97
CA GLY A 79 -0.29 -14.99 19.35
C GLY A 79 -0.90 -13.64 19.74
N ILE A 80 -2.22 -13.62 19.91
CA ILE A 80 -2.84 -12.42 20.49
C ILE A 80 -2.57 -12.49 21.99
N ARG A 81 -1.86 -11.48 22.47
CA ARG A 81 -1.30 -11.42 23.83
C ARG A 81 -2.36 -11.00 24.83
N LEU A 82 -2.49 -11.77 25.90
CA LEU A 82 -3.39 -11.39 26.96
C LEU A 82 -2.98 -10.04 27.57
N ASN A 83 -1.68 -9.87 27.84
CA ASN A 83 -1.19 -8.68 28.51
C ASN A 83 -0.80 -7.65 27.46
N ARG A 84 -1.66 -6.64 27.28
CA ARG A 84 -1.39 -5.57 26.28
C ARG A 84 -0.39 -4.54 26.75
N SER A 85 0.16 -4.70 27.94
CA SER A 85 1.24 -3.82 28.41
CA SER A 85 1.24 -3.83 28.42
C SER A 85 2.60 -4.46 28.16
N GLU A 86 2.62 -5.63 27.52
CA GLU A 86 3.90 -6.18 27.07
C GLU A 86 4.53 -5.17 26.12
N ARG A 87 5.86 -5.12 26.07
CA ARG A 87 6.55 -4.13 25.20
C ARG A 87 7.28 -4.83 24.03
N TRP A 88 6.89 -4.46 22.82
CA TRP A 88 7.40 -5.08 21.60
C TRP A 88 7.64 -3.95 20.61
N ASP A 89 7.88 -4.30 19.34
CA ASP A 89 7.93 -3.26 18.33
C ASP A 89 6.53 -3.12 17.72
N ALA A 90 6.45 -2.56 16.51
CA ALA A 90 5.17 -2.37 15.83
C ALA A 90 5.33 -2.70 14.35
N TYR A 91 4.31 -3.33 13.76
CA TYR A 91 4.19 -3.50 12.31
C TYR A 91 3.03 -2.63 11.84
N CYS A 92 3.37 -1.62 11.03
CA CYS A 92 2.41 -0.66 10.53
C CYS A 92 2.03 -0.94 9.06
N TYR A 93 0.82 -0.55 8.72
CA TYR A 93 0.35 -0.53 7.33
C TYR A 93 -0.05 0.90 6.93
N ASN A 94 0.62 1.43 5.90
CA ASN A 94 0.28 2.74 5.35
C ASN A 94 0.39 2.63 3.82
N PRO A 95 -0.72 2.38 3.10
CA PRO A 95 -0.63 2.18 1.63
C PRO A 95 -0.35 3.43 0.78
N GLY B 1 10.40 -5.35 -3.73
CA GLY B 1 9.03 -5.89 -3.78
C GLY B 1 8.66 -6.00 -5.25
N VAL B 2 7.41 -5.66 -5.54
CA VAL B 2 6.84 -5.77 -6.89
C VAL B 2 6.65 -4.34 -7.41
N TYR B 3 6.96 -4.12 -8.67
CA TYR B 3 6.82 -2.79 -9.21
C TYR B 3 6.50 -2.83 -10.69
N HIS B 4 5.99 -1.71 -11.17
CA HIS B 4 5.61 -1.55 -12.57
C HIS B 4 6.76 -0.88 -13.34
N ARG B 5 7.00 -1.37 -14.57
CA ARG B 5 7.98 -0.76 -15.45
C ARG B 5 7.38 -0.51 -16.84
N GLU B 6 7.62 0.67 -17.38
CA GLU B 6 7.34 0.87 -18.81
C GLU B 6 8.65 1.06 -19.59
N ALA B 7 8.63 0.74 -20.89
CA ALA B 7 9.73 1.09 -21.76
C ALA B 7 10.05 2.57 -21.57
N ARG B 8 11.31 2.96 -21.76
CA ARG B 8 11.60 4.38 -21.71
C ARG B 8 10.84 5.16 -22.79
N SER B 9 10.62 4.54 -23.95
CA SER B 9 9.84 5.16 -25.03
C SER B 9 8.35 5.40 -24.70
N GLY B 10 7.84 4.72 -23.68
CA GLY B 10 6.50 5.01 -23.18
C GLY B 10 5.63 3.80 -22.89
N LYS B 11 4.34 4.05 -22.77
CA LYS B 11 3.37 3.07 -22.30
C LYS B 11 3.09 2.01 -23.37
N TYR B 12 2.99 0.76 -22.93
CA TYR B 12 2.64 -0.40 -23.78
C TYR B 12 3.58 -0.57 -24.97
N LYS B 13 4.87 -0.67 -24.66
CA LYS B 13 5.89 -0.72 -25.70
C LYS B 13 6.86 -1.89 -25.52
N LEU B 14 6.52 -2.81 -24.62
CA LEU B 14 7.40 -3.96 -24.38
C LEU B 14 6.79 -5.28 -24.79
N THR B 15 7.51 -6.05 -25.61
CA THR B 15 7.13 -7.44 -25.86
C THR B 15 7.38 -8.28 -24.62
N TYR B 16 6.89 -9.52 -24.64
CA TYR B 16 7.15 -10.39 -23.52
C TYR B 16 8.67 -10.58 -23.28
N ALA B 17 9.43 -10.87 -24.35
CA ALA B 17 10.88 -11.02 -24.24
C ALA B 17 11.57 -9.77 -23.69
N GLU B 18 11.14 -8.60 -24.14
CA GLU B 18 11.71 -7.35 -23.69
C GLU B 18 11.36 -7.10 -22.20
N ALA B 19 10.11 -7.35 -21.84
CA ALA B 19 9.68 -7.21 -20.42
C ALA B 19 10.52 -8.09 -19.48
N LYS B 20 10.72 -9.33 -19.88
CA LYS B 20 11.52 -10.30 -19.13
C LYS B 20 12.97 -9.81 -18.93
N ALA B 21 13.63 -9.38 -20.01
CA ALA B 21 14.94 -8.75 -19.96
C ALA B 21 15.01 -7.49 -19.08
N VAL B 22 13.98 -6.64 -19.12
CA VAL B 22 13.95 -5.44 -18.27
C VAL B 22 14.00 -5.86 -16.77
N CYS B 23 13.11 -6.76 -16.35
CA CYS B 23 13.14 -7.24 -14.95
C CYS B 23 14.47 -7.88 -14.55
N GLU B 24 15.05 -8.66 -15.47
CA GLU B 24 16.34 -9.29 -15.22
C GLU B 24 17.48 -8.28 -15.14
N PHE B 25 17.44 -7.25 -16.00
CA PHE B 25 18.46 -6.20 -15.97
C PHE B 25 18.47 -5.57 -14.57
N GLU B 26 17.26 -5.34 -14.06
CA GLU B 26 17.06 -4.73 -12.72
C GLU B 26 17.26 -5.67 -11.53
N GLY B 27 17.69 -6.90 -11.79
CA GLY B 27 18.09 -7.82 -10.73
C GLY B 27 16.98 -8.74 -10.23
N GLY B 28 15.88 -8.82 -10.96
CA GLY B 28 14.78 -9.69 -10.59
C GLY B 28 14.19 -10.46 -11.76
N HIS B 29 12.87 -10.65 -11.73
CA HIS B 29 12.14 -11.48 -12.70
C HIS B 29 10.76 -10.91 -12.88
N LEU B 30 10.07 -11.27 -13.95
CA LEU B 30 8.66 -10.91 -14.04
C LEU B 30 7.92 -11.45 -12.82
N ALA B 31 7.05 -10.63 -12.27
CA ALA B 31 6.30 -11.02 -11.06
C ALA B 31 5.34 -12.14 -11.39
N THR B 32 5.25 -13.13 -10.51
CA THR B 32 4.16 -14.10 -10.60
C THR B 32 2.79 -13.46 -10.25
N TYR B 33 1.71 -14.10 -10.69
CA TYR B 33 0.37 -13.71 -10.24
C TYR B 33 0.26 -13.60 -8.69
N LYS B 34 0.80 -14.58 -7.98
CA LYS B 34 0.68 -14.60 -6.53
C LYS B 34 1.44 -13.39 -5.91
N GLN B 35 2.61 -13.09 -6.47
CA GLN B 35 3.40 -11.91 -6.04
C GLN B 35 2.68 -10.61 -6.34
N LEU B 36 2.11 -10.47 -7.53
CA LEU B 36 1.24 -9.32 -7.86
C LEU B 36 0.04 -9.17 -6.88
N GLU B 37 -0.62 -10.29 -6.59
CA GLU B 37 -1.71 -10.30 -5.60
CA GLU B 37 -1.69 -10.38 -5.61
C GLU B 37 -1.25 -9.88 -4.22
N ALA B 38 -0.07 -10.36 -3.78
CA ALA B 38 0.47 -9.95 -2.45
C ALA B 38 0.72 -8.43 -2.43
N ALA B 39 1.32 -7.90 -3.50
CA ALA B 39 1.58 -6.44 -3.64
C ALA B 39 0.25 -5.66 -3.57
N ARG B 40 -0.77 -6.13 -4.31
CA ARG B 40 -2.11 -5.54 -4.29
CA ARG B 40 -2.10 -5.49 -4.28
C ARG B 40 -2.72 -5.51 -2.87
N LYS B 41 -2.54 -6.60 -2.12
CA LYS B 41 -3.02 -6.74 -0.74
C LYS B 41 -2.45 -5.64 0.16
N ILE B 42 -1.26 -5.16 -0.18
CA ILE B 42 -0.66 -4.10 0.64
C ILE B 42 -0.61 -2.74 -0.10
N GLY B 43 -1.53 -2.55 -1.05
CA GLY B 43 -1.79 -1.22 -1.58
C GLY B 43 -1.29 -0.92 -2.99
N PHE B 44 -0.69 -1.91 -3.66
CA PHE B 44 -0.09 -1.67 -4.98
C PHE B 44 -1.21 -1.58 -6.01
N HIS B 45 -1.23 -0.46 -6.72
CA HIS B 45 -2.34 -0.12 -7.63
C HIS B 45 -1.70 0.58 -8.84
N VAL B 46 -1.82 -0.02 -10.03
CA VAL B 46 -1.36 0.65 -11.26
C VAL B 46 -2.29 0.25 -12.41
N CYS B 47 -2.99 1.20 -13.01
CA CYS B 47 -3.93 0.81 -14.07
C CYS B 47 -3.27 0.83 -15.43
N ALA B 48 -2.31 -0.07 -15.59
CA ALA B 48 -1.60 -0.30 -16.84
C ALA B 48 -1.28 -1.77 -16.91
N ALA B 49 -1.82 -2.43 -17.94
CA ALA B 49 -1.59 -3.85 -18.14
C ALA B 49 -0.12 -4.13 -18.43
N GLY B 50 0.41 -5.18 -17.82
CA GLY B 50 1.82 -5.52 -18.00
C GLY B 50 2.06 -7.00 -18.09
N TRP B 51 3.12 -7.38 -18.78
CA TRP B 51 3.57 -8.78 -18.76
C TRP B 51 3.94 -9.23 -17.33
N MET B 52 3.65 -10.51 -17.07
CA MET B 52 3.94 -11.20 -15.79
C MET B 52 4.56 -12.56 -16.09
N ALA B 53 4.93 -13.31 -15.03
CA ALA B 53 5.48 -14.65 -15.18
C ALA B 53 4.60 -15.49 -16.10
N LYS B 54 5.22 -16.34 -16.90
CA LYS B 54 4.53 -17.32 -17.70
C LYS B 54 3.77 -16.71 -18.88
N GLY B 55 3.98 -15.43 -19.13
CA GLY B 55 3.40 -14.78 -20.29
C GLY B 55 1.97 -14.35 -20.07
N ARG B 56 1.58 -14.26 -18.81
CA ARG B 56 0.32 -13.66 -18.43
C ARG B 56 0.48 -12.17 -18.58
N VAL B 57 -0.63 -11.49 -18.83
CA VAL B 57 -0.72 -10.05 -18.78
C VAL B 57 -1.84 -9.68 -17.79
N GLY B 58 -1.57 -8.73 -16.91
CA GLY B 58 -2.58 -8.27 -15.97
C GLY B 58 -2.17 -6.99 -15.27
N TYR B 59 -2.92 -6.61 -14.25
CA TYR B 59 -2.52 -5.46 -13.42
C TYR B 59 -3.37 -5.41 -12.18
N PRO B 60 -2.85 -4.73 -11.14
CA PRO B 60 -3.50 -4.57 -9.83
C PRO B 60 -4.35 -3.30 -9.69
N ILE B 61 -5.55 -3.47 -9.15
CA ILE B 61 -6.39 -2.32 -8.86
C ILE B 61 -6.79 -2.30 -7.38
N VAL B 62 -6.72 -1.13 -6.75
CA VAL B 62 -7.20 -0.97 -5.36
C VAL B 62 -8.21 0.15 -5.43
N GLY B 65 -12.35 2.37 -12.49
CA GLY B 65 -12.56 3.73 -13.04
C GLY B 65 -12.26 3.83 -14.53
N PRO B 66 -12.30 5.05 -15.09
CA PRO B 66 -12.00 5.20 -16.53
C PRO B 66 -10.73 4.46 -16.99
N ASN B 67 -9.69 4.54 -16.15
CA ASN B 67 -8.39 3.92 -16.42
C ASN B 67 -8.41 2.44 -16.05
N CYS B 68 -9.24 2.07 -15.09
CA CYS B 68 -9.06 0.83 -14.33
C CYS B 68 -10.23 -0.12 -14.55
N GLY B 69 -9.94 -1.39 -14.78
CA GLY B 69 -11.05 -2.31 -15.02
C GLY B 69 -11.62 -2.77 -13.70
N PHE B 70 -12.85 -3.28 -13.69
CA PHE B 70 -13.30 -3.97 -12.50
C PHE B 70 -12.79 -5.41 -12.50
N GLY B 71 -12.30 -5.83 -11.33
CA GLY B 71 -11.91 -7.22 -11.08
C GLY B 71 -12.18 -7.54 -9.63
N LYS B 72 -13.09 -8.48 -9.39
CA LYS B 72 -13.50 -8.83 -8.01
C LYS B 72 -12.30 -9.20 -7.12
N THR B 73 -11.27 -9.80 -7.75
CA THR B 73 -10.05 -10.19 -7.04
CA THR B 73 -10.03 -10.18 -7.07
C THR B 73 -9.10 -8.98 -6.86
N GLY B 74 -9.32 -7.91 -7.62
CA GLY B 74 -8.41 -6.77 -7.55
C GLY B 74 -7.24 -6.90 -8.52
N ILE B 75 -7.10 -8.05 -9.20
CA ILE B 75 -6.14 -8.20 -10.30
CA ILE B 75 -6.13 -8.22 -10.29
C ILE B 75 -6.94 -8.45 -11.55
N ILE B 76 -6.70 -7.63 -12.56
CA ILE B 76 -7.37 -7.84 -13.84
C ILE B 76 -6.47 -8.84 -14.62
N ASP B 77 -7.07 -9.95 -15.07
CA ASP B 77 -6.37 -11.01 -15.79
C ASP B 77 -6.71 -10.91 -17.30
N TYR B 78 -5.71 -10.56 -18.10
CA TYR B 78 -5.80 -10.61 -19.59
C TYR B 78 -5.30 -11.95 -20.12
N GLY B 79 -4.97 -12.83 -19.17
CA GLY B 79 -4.66 -14.24 -19.46
C GLY B 79 -3.27 -14.46 -19.99
N ILE B 80 -2.89 -15.74 -20.14
CA ILE B 80 -1.63 -16.06 -20.81
C ILE B 80 -1.85 -15.84 -22.31
N ARG B 81 -1.07 -14.91 -22.86
CA ARG B 81 -1.27 -14.40 -24.24
C ARG B 81 -0.67 -15.36 -25.27
N LEU B 82 -1.43 -15.65 -26.30
CA LEU B 82 -0.88 -16.47 -27.38
C LEU B 82 0.28 -15.72 -28.07
N ASN B 83 0.08 -14.43 -28.33
CA ASN B 83 1.04 -13.64 -29.10
C ASN B 83 1.97 -12.90 -28.15
N ARG B 84 3.20 -13.41 -28.01
CA ARG B 84 4.21 -12.81 -27.16
C ARG B 84 4.89 -11.56 -27.75
N SER B 85 4.53 -11.19 -28.97
CA SER B 85 4.95 -9.92 -29.57
C SER B 85 4.00 -8.77 -29.23
N GLU B 86 2.92 -9.06 -28.51
CA GLU B 86 2.08 -8.00 -27.99
C GLU B 86 2.92 -7.05 -27.15
N ARG B 87 2.58 -5.76 -27.19
CA ARG B 87 3.35 -4.78 -26.46
CA ARG B 87 3.35 -4.76 -26.47
C ARG B 87 2.57 -4.22 -25.28
N TRP B 88 3.12 -4.43 -24.09
CA TRP B 88 2.46 -4.01 -22.85
C TRP B 88 3.52 -3.39 -21.95
N ASP B 89 3.16 -3.13 -20.69
CA ASP B 89 4.20 -2.80 -19.69
C ASP B 89 4.78 -4.07 -19.08
N ALA B 90 5.41 -3.96 -17.91
CA ALA B 90 5.97 -5.11 -17.22
C ALA B 90 5.71 -4.95 -15.72
N TYR B 91 5.44 -6.07 -15.08
CA TYR B 91 5.48 -6.18 -13.61
C TYR B 91 6.66 -7.00 -13.16
N CYS B 92 7.59 -6.35 -12.45
CA CYS B 92 8.77 -7.01 -11.94
C CYS B 92 8.70 -7.36 -10.46
N TYR B 93 9.36 -8.45 -10.09
CA TYR B 93 9.58 -8.80 -8.68
C TYR B 93 11.08 -8.89 -8.38
N ASN B 94 11.53 -8.04 -7.46
CA ASN B 94 12.88 -8.10 -6.93
C ASN B 94 12.82 -7.90 -5.38
N PRO B 95 13.02 -8.97 -4.60
CA PRO B 95 12.93 -8.81 -3.14
C PRO B 95 14.07 -8.01 -2.50
N HIS B 96 15.09 -7.62 -3.28
CA HIS B 96 16.13 -6.70 -2.80
C HIS B 96 15.86 -5.27 -3.29
N GLY C 1 -14.92 25.18 30.57
CA GLY C 1 -13.67 24.50 30.86
C GLY C 1 -13.23 23.93 29.51
N VAL C 2 -12.35 22.95 29.58
CA VAL C 2 -11.81 22.25 28.41
C VAL C 2 -12.61 20.97 28.14
N TYR C 3 -12.84 20.66 26.85
CA TYR C 3 -13.60 19.51 26.48
C TYR C 3 -13.18 19.00 25.09
N HIS C 4 -13.49 17.73 24.86
CA HIS C 4 -13.10 17.03 23.65
C HIS C 4 -14.29 17.05 22.68
N ARG C 5 -13.99 17.16 21.38
CA ARG C 5 -15.00 17.08 20.32
C ARG C 5 -14.46 16.11 19.26
N GLU C 6 -15.34 15.26 18.74
CA GLU C 6 -15.04 14.50 17.54
C GLU C 6 -16.03 14.88 16.45
N ALA C 7 -15.68 14.64 15.20
CA ALA C 7 -16.65 14.84 14.11
C ALA C 7 -17.87 13.93 14.32
N ARG C 8 -19.04 14.36 13.83
CA ARG C 8 -20.27 13.55 13.86
C ARG C 8 -19.97 12.15 13.31
N SER C 9 -19.12 12.09 12.26
CA SER C 9 -18.81 10.84 11.57
C SER C 9 -17.86 9.95 12.36
N GLY C 10 -17.31 10.46 13.46
CA GLY C 10 -16.49 9.63 14.34
C GLY C 10 -15.08 10.12 14.58
N LYS C 11 -14.25 9.21 15.10
CA LYS C 11 -12.90 9.51 15.60
C LYS C 11 -11.90 9.90 14.51
N TYR C 12 -11.08 10.91 14.81
CA TYR C 12 -9.98 11.41 13.94
C TYR C 12 -10.49 11.76 12.53
N LYS C 13 -11.48 12.64 12.50
CA LYS C 13 -12.08 13.05 11.24
C LYS C 13 -12.19 14.57 11.14
N LEU C 14 -11.41 15.30 11.92
CA LEU C 14 -11.42 16.77 11.81
C LEU C 14 -10.05 17.30 11.40
N THR C 15 -10.04 18.10 10.34
CA THR C 15 -8.85 18.91 10.01
CA THR C 15 -8.89 18.93 9.96
C THR C 15 -8.72 20.05 11.03
N TYR C 16 -7.57 20.74 11.00
CA TYR C 16 -7.34 21.84 11.92
C TYR C 16 -8.39 22.94 11.72
N ALA C 17 -8.68 23.26 10.45
CA ALA C 17 -9.71 24.26 10.16
C ALA C 17 -11.11 23.86 10.65
N GLU C 18 -11.46 22.58 10.48
CA GLU C 18 -12.72 22.04 10.98
C GLU C 18 -12.78 22.08 12.51
N ALA C 19 -11.69 21.64 13.13
CA ALA C 19 -11.58 21.62 14.61
C ALA C 19 -11.74 23.05 15.17
N LYS C 20 -10.99 24.00 14.60
CA LYS C 20 -11.13 25.41 14.99
C LYS C 20 -12.56 25.94 14.89
N ALA C 21 -13.22 25.65 13.75
CA ALA C 21 -14.56 26.12 13.51
C ALA C 21 -15.56 25.48 14.47
N VAL C 22 -15.34 24.21 14.82
CA VAL C 22 -16.24 23.54 15.75
C VAL C 22 -16.13 24.25 17.11
N CYS C 23 -14.91 24.50 17.59
CA CYS C 23 -14.76 25.20 18.91
C CYS C 23 -15.38 26.61 18.90
N GLU C 24 -15.14 27.33 17.80
CA GLU C 24 -15.70 28.65 17.63
C GLU C 24 -17.22 28.65 17.45
N PHE C 25 -17.76 27.68 16.72
CA PHE C 25 -19.21 27.54 16.59
C PHE C 25 -19.85 27.51 17.98
N GLU C 26 -19.22 26.74 18.88
CA GLU C 26 -19.71 26.52 20.24
C GLU C 26 -19.39 27.67 21.22
N GLY C 27 -18.80 28.75 20.72
CA GLY C 27 -18.62 29.99 21.49
C GLY C 27 -17.27 30.12 22.18
N GLY C 28 -16.35 29.25 21.79
CA GLY C 28 -15.02 29.19 22.40
C GLY C 28 -13.92 29.18 21.37
N HIS C 29 -12.81 28.52 21.73
CA HIS C 29 -11.61 28.44 20.90
C HIS C 29 -10.94 27.13 21.10
N LEU C 30 -10.07 26.73 20.17
CA LEU C 30 -9.16 25.62 20.47
C LEU C 30 -8.40 25.90 21.79
N ALA C 31 -8.32 24.87 22.61
CA ALA C 31 -7.65 24.99 23.92
C ALA C 31 -6.14 25.18 23.70
N THR C 32 -5.53 26.04 24.51
CA THR C 32 -4.07 26.18 24.54
C THR C 32 -3.46 24.96 25.21
N TYR C 33 -2.18 24.72 24.99
CA TYR C 33 -1.48 23.66 25.72
C TYR C 33 -1.64 23.87 27.26
N LYS C 34 -1.49 25.10 27.70
CA LYS C 34 -1.60 25.39 29.13
C LYS C 34 -2.99 25.08 29.72
N GLN C 35 -4.03 25.33 28.93
CA GLN C 35 -5.40 25.01 29.33
C GLN C 35 -5.65 23.52 29.35
N LEU C 36 -5.21 22.81 28.29
CA LEU C 36 -5.31 21.36 28.28
C LEU C 36 -4.55 20.73 29.46
N GLU C 37 -3.34 21.23 29.74
CA GLU C 37 -2.55 20.76 30.87
C GLU C 37 -3.21 21.01 32.25
N ALA C 38 -3.80 22.19 32.41
CA ALA C 38 -4.54 22.49 33.65
C ALA C 38 -5.76 21.56 33.78
N ALA C 39 -6.49 21.35 32.68
CA ALA C 39 -7.64 20.43 32.70
C ALA C 39 -7.17 19.03 33.14
N ARG C 40 -6.06 18.59 32.57
CA ARG C 40 -5.51 17.26 32.86
C ARG C 40 -5.10 17.14 34.32
N LYS C 41 -4.51 18.20 34.86
CA LYS C 41 -4.10 18.18 36.26
C LYS C 41 -5.27 17.98 37.22
N ILE C 42 -6.46 18.36 36.79
CA ILE C 42 -7.66 18.14 37.63
C ILE C 42 -8.64 17.09 37.08
N GLY C 43 -8.10 16.15 36.30
CA GLY C 43 -8.74 14.85 36.03
C GLY C 43 -9.22 14.66 34.61
N PHE C 44 -8.96 15.64 33.74
CA PHE C 44 -9.41 15.56 32.32
C PHE C 44 -8.53 14.56 31.54
N HIS C 45 -9.14 13.45 31.16
CA HIS C 45 -8.45 12.28 30.58
C HIS C 45 -9.24 11.89 29.33
N VAL C 46 -8.59 11.95 28.16
CA VAL C 46 -9.21 11.45 26.93
C VAL C 46 -8.18 10.70 26.11
N CYS C 47 -8.52 9.47 25.77
CA CYS C 47 -7.61 8.64 24.99
C CYS C 47 -7.79 8.95 23.50
N ALA C 48 -7.43 10.16 23.11
CA ALA C 48 -7.56 10.60 21.69
C ALA C 48 -6.70 11.83 21.44
N ALA C 49 -5.95 11.78 20.34
CA ALA C 49 -5.19 12.94 19.88
C ALA C 49 -6.14 13.98 19.27
N GLY C 50 -5.95 15.24 19.66
CA GLY C 50 -6.78 16.31 19.13
C GLY C 50 -6.02 17.59 18.82
N TRP C 51 -6.52 18.30 17.81
CA TRP C 51 -6.08 19.67 17.55
C TRP C 51 -6.25 20.62 18.74
N MET C 52 -5.30 21.53 18.86
CA MET C 52 -5.21 22.51 19.95
C MET C 52 -4.78 23.85 19.33
N ALA C 53 -4.72 24.91 20.16
CA ALA C 53 -4.24 26.22 19.68
C ALA C 53 -2.90 26.10 18.93
N LYS C 54 -2.77 26.90 17.88
CA LYS C 54 -1.52 27.04 17.16
C LYS C 54 -1.18 25.81 16.31
N GLY C 55 -2.16 24.94 16.13
CA GLY C 55 -1.99 23.79 15.29
C GLY C 55 -1.17 22.67 15.91
N ARG C 56 -0.95 22.75 17.22
CA ARG C 56 -0.46 21.61 17.98
C ARG C 56 -1.50 20.50 18.03
N VAL C 57 -1.04 19.27 18.15
CA VAL C 57 -1.94 18.13 18.39
C VAL C 57 -1.48 17.44 19.69
N GLY C 58 -2.43 17.07 20.56
CA GLY C 58 -2.06 16.49 21.87
C GLY C 58 -3.14 15.53 22.41
N TYR C 59 -2.73 14.72 23.38
CA TYR C 59 -3.55 13.60 23.93
C TYR C 59 -3.31 13.70 25.49
N PRO C 60 -4.33 14.07 26.31
CA PRO C 60 -4.14 14.19 27.76
C PRO C 60 -4.33 12.87 28.53
N ILE C 61 -3.27 12.45 29.20
CA ILE C 61 -3.29 11.22 29.97
C ILE C 61 -3.13 11.57 31.46
N VAL C 62 -4.13 11.24 32.27
CA VAL C 62 -4.06 11.53 33.71
C VAL C 62 -3.29 10.49 34.50
N LYS C 63 -3.45 9.23 34.11
CA LYS C 63 -3.07 8.11 34.98
C LYS C 63 -2.45 7.01 34.15
N ASN C 67 -3.24 6.35 31.99
CA ASN C 67 -3.57 5.03 31.48
C ASN C 67 -3.65 5.08 29.95
N CYS C 68 -4.78 4.68 29.38
CA CYS C 68 -5.01 4.61 27.91
C CYS C 68 -4.50 3.40 27.03
N GLY C 69 -3.92 2.32 27.51
CA GLY C 69 -2.91 2.23 28.52
C GLY C 69 -1.57 2.33 27.81
N PHE C 70 -1.05 3.56 27.80
CA PHE C 70 0.37 3.88 27.70
C PHE C 70 0.90 3.54 29.13
N GLY C 71 2.19 3.38 29.42
CA GLY C 71 3.32 4.02 28.79
C GLY C 71 3.85 4.95 29.88
N LYS C 72 3.52 6.22 29.72
CA LYS C 72 3.84 7.31 30.63
C LYS C 72 2.57 8.16 30.55
N THR C 73 2.53 9.22 31.37
CA THR C 73 1.34 10.05 31.47
C THR C 73 1.69 11.51 31.14
N GLY C 74 0.70 12.39 31.19
CA GLY C 74 0.86 13.79 30.80
C GLY C 74 0.24 14.00 29.43
N ILE C 75 0.37 15.20 28.89
CA ILE C 75 -0.06 15.41 27.48
C ILE C 75 0.98 14.75 26.56
N ILE C 76 0.54 13.84 25.71
CA ILE C 76 1.45 13.30 24.73
C ILE C 76 1.46 14.37 23.62
N ASP C 77 2.63 14.92 23.31
CA ASP C 77 2.77 15.98 22.29
C ASP C 77 2.99 15.39 20.87
N TYR C 78 1.99 15.55 20.01
CA TYR C 78 2.12 15.15 18.60
C TYR C 78 2.75 16.31 17.79
N GLY C 79 2.97 17.44 18.47
CA GLY C 79 3.70 18.56 17.90
C GLY C 79 2.83 19.55 17.15
N ILE C 80 3.43 20.69 16.80
CA ILE C 80 2.78 21.60 15.86
C ILE C 80 2.93 20.97 14.47
N ARG C 81 1.79 20.72 13.84
CA ARG C 81 1.75 19.87 12.62
C ARG C 81 1.93 20.75 11.40
N LEU C 82 2.83 20.37 10.51
CA LEU C 82 3.04 21.10 9.26
C LEU C 82 1.81 21.00 8.38
N ASN C 83 1.25 19.79 8.31
CA ASN C 83 0.05 19.53 7.48
C ASN C 83 -1.24 19.70 8.26
N ARG C 84 -1.89 20.84 8.05
CA ARG C 84 -3.14 21.20 8.75
C ARG C 84 -4.37 20.47 8.21
N SER C 85 -4.17 19.67 7.17
CA SER C 85 -5.22 18.78 6.67
C SER C 85 -5.20 17.39 7.29
N GLU C 86 -4.28 17.13 8.22
CA GLU C 86 -4.38 15.91 9.02
C GLU C 86 -5.73 15.82 9.75
N ARG C 87 -6.22 14.60 9.98
CA ARG C 87 -7.52 14.44 10.61
CA ARG C 87 -7.52 14.42 10.61
C ARG C 87 -7.33 13.86 12.01
N TRP C 88 -7.76 14.63 13.00
CA TRP C 88 -7.65 14.25 14.41
C TRP C 88 -8.97 14.63 15.08
N ASP C 89 -9.00 14.61 16.41
CA ASP C 89 -10.15 15.19 17.11
C ASP C 89 -9.86 16.65 17.45
N ALA C 90 -10.57 17.22 18.43
CA ALA C 90 -10.37 18.63 18.81
C ALA C 90 -10.48 18.78 20.33
N TYR C 91 -9.65 19.62 20.89
CA TYR C 91 -9.81 20.07 22.28
C TYR C 91 -10.19 21.56 22.28
N CYS C 92 -11.37 21.85 22.82
CA CYS C 92 -11.92 23.17 22.84
C CYS C 92 -11.86 23.75 24.27
N TYR C 93 -11.73 25.05 24.33
CA TYR C 93 -11.87 25.79 25.58
C TYR C 93 -12.98 26.82 25.52
N ASN C 94 -13.91 26.71 26.48
CA ASN C 94 -14.95 27.70 26.62
C ASN C 94 -15.16 27.88 28.14
N PRO C 95 -14.70 29.02 28.70
CA PRO C 95 -14.62 29.17 30.18
C PRO C 95 -15.93 28.93 30.86
N HIS C 96 -17.02 29.21 30.15
CA HIS C 96 -18.38 28.89 30.61
C HIS C 96 -18.62 27.39 30.64
N GLY D 1 -17.01 -30.35 -37.87
CA GLY D 1 -15.97 -29.30 -37.91
C GLY D 1 -16.05 -28.60 -36.56
N VAL D 2 -15.87 -27.29 -36.56
CA VAL D 2 -15.86 -26.48 -35.32
C VAL D 2 -17.19 -25.76 -35.21
N TYR D 3 -17.72 -25.68 -33.99
CA TYR D 3 -18.98 -24.98 -33.78
C TYR D 3 -19.05 -24.26 -32.44
N HIS D 4 -19.96 -23.30 -32.35
CA HIS D 4 -20.16 -22.52 -31.13
C HIS D 4 -21.32 -23.19 -30.32
N ARG D 5 -21.18 -23.23 -29.00
CA ARG D 5 -22.26 -23.72 -28.16
CA ARG D 5 -22.19 -23.78 -28.09
C ARG D 5 -22.43 -22.80 -26.96
N GLU D 6 -23.67 -22.50 -26.66
CA GLU D 6 -23.97 -21.80 -25.43
C GLU D 6 -24.76 -22.73 -24.50
N ALA D 7 -24.72 -22.45 -23.21
CA ALA D 7 -25.61 -23.11 -22.27
C ALA D 7 -27.07 -23.00 -22.72
N ARG D 8 -27.90 -23.97 -22.36
CA ARG D 8 -29.34 -23.89 -22.59
CA ARG D 8 -29.31 -23.85 -22.67
C ARG D 8 -29.92 -22.57 -22.07
N SER D 9 -29.36 -22.12 -20.96
CA SER D 9 -29.91 -21.01 -20.21
C SER D 9 -29.41 -19.66 -20.72
N GLY D 10 -28.38 -19.72 -21.54
CA GLY D 10 -28.09 -18.69 -22.51
C GLY D 10 -26.62 -18.33 -22.57
N LYS D 11 -26.39 -17.09 -22.96
CA LYS D 11 -25.07 -16.57 -23.27
C LYS D 11 -24.16 -16.37 -22.07
N TYR D 12 -22.92 -16.79 -22.23
CA TYR D 12 -21.85 -16.68 -21.20
C TYR D 12 -22.27 -17.34 -19.86
N LYS D 13 -22.64 -18.61 -19.92
CA LYS D 13 -23.09 -19.36 -18.75
C LYS D 13 -22.36 -20.67 -18.53
N LEU D 14 -21.22 -20.90 -19.19
CA LEU D 14 -20.48 -22.14 -19.01
C LEU D 14 -19.12 -21.90 -18.41
N THR D 15 -18.82 -22.60 -17.30
CA THR D 15 -17.47 -22.61 -16.76
C THR D 15 -16.56 -23.43 -17.67
N TYR D 16 -15.25 -23.35 -17.46
CA TYR D 16 -14.37 -24.19 -18.30
C TYR D 16 -14.76 -25.69 -18.23
N ALA D 17 -14.97 -26.19 -17.00
CA ALA D 17 -15.37 -27.61 -16.83
C ALA D 17 -16.70 -27.96 -17.54
N GLU D 18 -17.68 -27.06 -17.45
CA GLU D 18 -18.95 -27.26 -18.13
C GLU D 18 -18.79 -27.25 -19.65
N ALA D 19 -18.01 -26.30 -20.16
CA ALA D 19 -17.74 -26.22 -21.59
C ALA D 19 -17.06 -27.51 -22.11
N LYS D 20 -16.05 -27.98 -21.40
CA LYS D 20 -15.35 -29.22 -21.78
C LYS D 20 -16.35 -30.42 -21.85
N ALA D 21 -17.18 -30.53 -20.81
CA ALA D 21 -18.18 -31.58 -20.71
C ALA D 21 -19.24 -31.50 -21.83
N VAL D 22 -19.63 -30.27 -22.22
CA VAL D 22 -20.62 -30.11 -23.29
C VAL D 22 -20.03 -30.70 -24.59
N CYS D 23 -18.79 -30.31 -24.91
CA CYS D 23 -18.16 -30.75 -26.16
C CYS D 23 -17.93 -32.26 -26.18
N GLU D 24 -17.47 -32.81 -25.05
CA GLU D 24 -17.37 -34.26 -24.90
C GLU D 24 -18.71 -35.00 -24.98
N PHE D 25 -19.75 -34.47 -24.32
CA PHE D 25 -21.09 -35.08 -24.38
C PHE D 25 -21.53 -35.19 -25.85
N GLU D 26 -21.19 -34.17 -26.63
CA GLU D 26 -21.59 -34.11 -28.04
C GLU D 26 -20.65 -34.87 -28.97
N GLY D 27 -19.71 -35.61 -28.39
CA GLY D 27 -18.87 -36.55 -29.13
C GLY D 27 -17.56 -35.97 -29.65
N GLY D 28 -17.21 -34.79 -29.15
CA GLY D 28 -15.97 -34.09 -29.50
C GLY D 28 -15.17 -33.58 -28.33
N HIS D 29 -14.47 -32.48 -28.56
CA HIS D 29 -13.56 -31.88 -27.59
C HIS D 29 -13.58 -30.39 -27.76
N LEU D 30 -13.15 -29.64 -26.75
CA LEU D 30 -12.94 -28.21 -26.95
C LEU D 30 -12.02 -28.01 -28.17
N ALA D 31 -12.37 -27.07 -29.03
CA ALA D 31 -11.55 -26.83 -30.23
C ALA D 31 -10.20 -26.28 -29.79
N THR D 32 -9.14 -26.71 -30.47
CA THR D 32 -7.83 -26.07 -30.27
C THR D 32 -7.85 -24.70 -30.97
N TYR D 33 -6.90 -23.84 -30.59
CA TYR D 33 -6.72 -22.58 -31.30
C TYR D 33 -6.54 -22.82 -32.81
N LYS D 34 -5.71 -23.80 -33.16
CA LYS D 34 -5.44 -24.05 -34.58
C LYS D 34 -6.70 -24.48 -35.35
N GLN D 35 -7.54 -25.29 -34.71
CA GLN D 35 -8.82 -25.71 -35.31
C GLN D 35 -9.79 -24.54 -35.43
N LEU D 36 -9.85 -23.69 -34.40
CA LEU D 36 -10.70 -22.51 -34.48
C LEU D 36 -10.21 -21.55 -35.57
N GLU D 37 -8.90 -21.42 -35.71
CA GLU D 37 -8.35 -20.57 -36.76
C GLU D 37 -8.65 -21.13 -38.17
N ALA D 38 -8.52 -22.45 -38.32
CA ALA D 38 -8.88 -23.12 -39.58
C ALA D 38 -10.34 -22.87 -39.95
N ALA D 39 -11.24 -23.04 -38.96
CA ALA D 39 -12.66 -22.71 -39.13
C ALA D 39 -12.86 -21.25 -39.61
N ARG D 40 -12.22 -20.30 -38.92
CA ARG D 40 -12.26 -18.87 -39.31
C ARG D 40 -11.75 -18.61 -40.74
N LYS D 41 -10.64 -19.26 -41.10
CA LYS D 41 -10.14 -19.13 -42.50
C LYS D 41 -11.15 -19.55 -43.57
N ILE D 42 -12.07 -20.45 -43.22
CA ILE D 42 -13.11 -20.86 -44.18
C ILE D 42 -14.49 -20.31 -43.79
N GLY D 43 -14.50 -19.21 -43.02
CA GLY D 43 -15.71 -18.34 -42.96
C GLY D 43 -16.47 -18.29 -41.62
N PHE D 44 -15.97 -19.01 -40.63
CA PHE D 44 -16.60 -19.13 -39.32
C PHE D 44 -16.33 -17.85 -38.50
N HIS D 45 -17.39 -17.14 -38.16
CA HIS D 45 -17.34 -15.82 -37.55
C HIS D 45 -18.45 -15.88 -36.49
N VAL D 46 -18.08 -15.70 -35.23
CA VAL D 46 -19.06 -15.64 -34.16
C VAL D 46 -18.63 -14.61 -33.13
N CYS D 47 -19.52 -13.69 -32.81
CA CYS D 47 -19.22 -12.65 -31.84
CA CYS D 47 -19.23 -12.64 -31.84
C CYS D 47 -19.67 -13.06 -30.45
N ALA D 48 -18.99 -14.07 -29.93
CA ALA D 48 -19.23 -14.58 -28.57
C ALA D 48 -17.98 -15.28 -28.06
N ALA D 49 -17.38 -14.75 -26.99
CA ALA D 49 -16.19 -15.37 -26.41
C ALA D 49 -16.53 -16.75 -25.86
N GLY D 50 -15.69 -17.71 -26.16
CA GLY D 50 -15.90 -19.08 -25.67
C GLY D 50 -14.63 -19.76 -25.22
N TRP D 51 -14.80 -20.71 -24.29
CA TRP D 51 -13.73 -21.58 -23.89
C TRP D 51 -13.25 -22.42 -25.09
N MET D 52 -11.95 -22.67 -25.10
CA MET D 52 -11.33 -23.57 -26.08
CA MET D 52 -11.23 -23.47 -26.11
C MET D 52 -10.30 -24.42 -25.36
N ALA D 53 -9.59 -25.28 -26.09
CA ALA D 53 -8.56 -26.17 -25.49
C ALA D 53 -7.55 -25.40 -24.62
N LYS D 54 -7.10 -26.05 -23.55
CA LYS D 54 -6.10 -25.48 -22.67
C LYS D 54 -6.60 -24.29 -21.83
N GLY D 55 -7.90 -24.03 -21.91
CA GLY D 55 -8.52 -23.01 -21.09
C GLY D 55 -8.29 -21.60 -21.59
N ARG D 56 -7.86 -21.48 -22.84
CA ARG D 56 -8.00 -20.24 -23.57
C ARG D 56 -9.46 -19.85 -23.78
N VAL D 57 -9.71 -18.54 -23.83
CA VAL D 57 -10.99 -18.02 -24.25
C VAL D 57 -10.76 -17.11 -25.45
N GLY D 58 -11.67 -17.16 -26.41
CA GLY D 58 -11.55 -16.26 -27.55
C GLY D 58 -12.70 -16.43 -28.52
N TYR D 59 -12.61 -15.75 -29.66
CA TYR D 59 -13.67 -15.89 -30.66
C TYR D 59 -13.18 -15.50 -32.03
N PRO D 60 -13.80 -16.10 -33.07
CA PRO D 60 -13.31 -15.88 -34.46
C PRO D 60 -13.99 -14.72 -35.21
N ILE D 61 -13.17 -13.86 -35.81
CA ILE D 61 -13.65 -12.76 -36.63
C ILE D 61 -13.15 -12.92 -38.06
N VAL D 62 -14.10 -12.90 -38.98
CA VAL D 62 -13.81 -12.97 -40.44
C VAL D 62 -13.80 -11.56 -41.04
N LYS D 63 -14.86 -10.79 -40.76
CA LYS D 63 -14.95 -9.42 -41.25
C LYS D 63 -14.77 -8.45 -40.10
N PRO D 64 -13.74 -7.58 -40.17
CA PRO D 64 -13.56 -6.58 -39.10
C PRO D 64 -14.63 -5.50 -39.20
N GLY D 65 -14.92 -4.86 -38.07
CA GLY D 65 -15.84 -3.72 -38.06
C GLY D 65 -16.12 -3.20 -36.65
N PRO D 66 -17.05 -2.23 -36.55
CA PRO D 66 -17.35 -1.58 -35.28
C PRO D 66 -18.33 -2.34 -34.39
N ASN D 67 -18.78 -3.50 -34.87
CA ASN D 67 -19.78 -4.33 -34.15
C ASN D 67 -19.22 -5.55 -33.45
N CYS D 68 -17.90 -5.67 -33.47
CA CYS D 68 -17.23 -6.77 -32.81
C CYS D 68 -15.76 -6.84 -33.14
N GLY D 69 -14.95 -7.10 -32.11
CA GLY D 69 -13.53 -7.41 -32.30
C GLY D 69 -12.63 -6.19 -32.40
N PHE D 70 -13.22 -5.01 -32.19
CA PHE D 70 -12.49 -3.75 -32.09
C PHE D 70 -11.76 -3.36 -33.37
N GLY D 71 -12.29 -3.79 -34.52
CA GLY D 71 -11.67 -3.46 -35.81
C GLY D 71 -10.66 -4.48 -36.28
N LYS D 72 -10.34 -5.47 -35.42
CA LYS D 72 -9.37 -6.52 -35.72
C LYS D 72 -10.01 -7.74 -36.39
N THR D 73 -9.18 -8.48 -37.13
CA THR D 73 -9.58 -9.71 -37.83
C THR D 73 -8.83 -10.89 -37.17
N GLY D 74 -9.34 -12.10 -37.26
CA GLY D 74 -8.64 -13.22 -36.64
C GLY D 74 -9.33 -13.67 -35.37
N ILE D 75 -8.65 -14.51 -34.59
CA ILE D 75 -9.20 -14.98 -33.34
C ILE D 75 -8.84 -13.88 -32.32
N ILE D 76 -9.87 -13.35 -31.68
CA ILE D 76 -9.68 -12.40 -30.62
C ILE D 76 -9.31 -13.23 -29.37
N ASP D 77 -8.16 -12.93 -28.77
CA ASP D 77 -7.60 -13.77 -27.71
C ASP D 77 -7.84 -13.14 -26.33
N TYR D 78 -8.66 -13.79 -25.52
CA TYR D 78 -8.83 -13.38 -24.09
C TYR D 78 -7.85 -14.12 -23.18
N GLY D 79 -6.99 -14.94 -23.78
CA GLY D 79 -5.88 -15.56 -23.06
C GLY D 79 -6.29 -16.86 -22.37
N ILE D 80 -5.29 -17.64 -21.93
CA ILE D 80 -5.55 -18.76 -21.03
C ILE D 80 -5.89 -18.12 -19.67
N ARG D 81 -7.12 -18.35 -19.22
CA ARG D 81 -7.70 -17.68 -18.02
C ARG D 81 -7.26 -18.32 -16.73
N LEU D 82 -6.86 -17.48 -15.75
CA LEU D 82 -6.48 -18.03 -14.45
C LEU D 82 -7.67 -18.65 -13.77
N ASN D 83 -8.79 -17.95 -13.80
CA ASN D 83 -10.04 -18.40 -13.17
C ASN D 83 -10.92 -19.25 -14.10
N ARG D 84 -10.91 -20.58 -13.90
CA ARG D 84 -11.69 -21.47 -14.77
CA ARG D 84 -11.68 -21.53 -14.72
C ARG D 84 -13.17 -21.57 -14.39
N SER D 85 -13.57 -20.78 -13.39
CA SER D 85 -14.97 -20.62 -13.05
C SER D 85 -15.61 -19.43 -13.74
N GLU D 86 -14.84 -18.65 -14.52
CA GLU D 86 -15.46 -17.64 -15.39
C GLU D 86 -16.50 -18.30 -16.31
N ARG D 87 -17.58 -17.58 -16.61
CA ARG D 87 -18.64 -18.14 -17.45
C ARG D 87 -18.60 -17.53 -18.86
N TRP D 88 -18.43 -18.40 -19.84
CA TRP D 88 -18.36 -17.93 -21.22
C TRP D 88 -19.16 -18.94 -22.06
N ASP D 89 -19.02 -18.89 -23.38
CA ASP D 89 -19.60 -19.94 -24.22
C ASP D 89 -18.53 -21.02 -24.42
N ALA D 90 -18.64 -21.79 -25.53
CA ALA D 90 -17.70 -22.87 -25.77
C ALA D 90 -17.54 -22.99 -27.29
N TYR D 91 -16.33 -23.32 -27.71
CA TYR D 91 -16.07 -23.70 -29.15
C TYR D 91 -15.66 -25.17 -29.14
N CYS D 92 -16.48 -26.00 -29.81
CA CYS D 92 -16.24 -27.44 -29.85
C CYS D 92 -15.71 -27.86 -31.23
N TYR D 93 -14.91 -28.92 -31.23
CA TYR D 93 -14.49 -29.60 -32.47
C TYR D 93 -15.01 -31.02 -32.48
N ASN D 94 -15.74 -31.37 -33.55
CA ASN D 94 -16.18 -32.72 -33.76
C ASN D 94 -16.21 -32.93 -35.28
N PRO D 95 -15.22 -33.64 -35.82
CA PRO D 95 -15.10 -33.81 -37.29
C PRO D 95 -16.25 -34.57 -37.97
N HIS D 96 -17.26 -35.03 -37.22
CA HIS D 96 -18.47 -35.64 -37.82
C HIS D 96 -19.68 -34.68 -37.83
N GLY E 1 24.69 21.37 1.18
CA GLY E 1 23.74 20.22 1.19
C GLY E 1 23.30 19.85 2.59
N VAL E 2 22.38 18.90 2.68
CA VAL E 2 21.85 18.46 3.95
C VAL E 2 22.45 17.08 4.28
N TYR E 3 22.73 16.87 5.56
CA TYR E 3 23.24 15.57 6.03
C TYR E 3 22.74 15.27 7.44
N HIS E 4 22.74 13.97 7.71
CA HIS E 4 22.25 13.38 8.96
C HIS E 4 23.40 13.24 9.97
N ARG E 5 23.15 13.66 11.19
CA ARG E 5 24.13 13.55 12.27
C ARG E 5 23.57 12.84 13.52
N GLU E 6 24.40 12.04 14.19
CA GLU E 6 24.09 11.40 15.47
C GLU E 6 25.01 11.92 16.56
N ALA E 7 24.58 11.86 17.82
CA ALA E 7 25.51 12.00 18.93
C ALA E 7 26.58 10.91 18.87
N ARG E 8 27.74 11.20 19.43
CA ARG E 8 28.81 10.23 19.57
C ARG E 8 28.28 9.00 20.30
N SER E 9 27.41 9.21 21.29
CA SER E 9 26.95 8.09 22.12
C SER E 9 25.89 7.21 21.45
N GLY E 10 25.37 7.63 20.29
CA GLY E 10 24.46 6.78 19.52
C GLY E 10 23.15 7.42 19.09
N LYS E 11 22.23 6.57 18.61
CA LYS E 11 21.01 7.02 17.96
C LYS E 11 20.03 7.67 18.95
N TYR E 12 19.48 8.81 18.54
CA TYR E 12 18.44 9.53 19.30
C TYR E 12 18.93 9.99 20.68
N LYS E 13 19.98 10.82 20.67
CA LYS E 13 20.68 11.21 21.89
C LYS E 13 21.02 12.71 21.93
N LEU E 14 20.47 13.48 21.01
CA LEU E 14 20.75 14.93 20.97
C LEU E 14 19.48 15.70 21.28
N THR E 15 19.57 16.58 22.28
CA THR E 15 18.53 17.58 22.50
C THR E 15 18.56 18.62 21.38
N TYR E 16 17.53 19.48 21.33
CA TYR E 16 17.48 20.52 20.31
C TYR E 16 18.75 21.38 20.33
N ALA E 17 19.13 21.88 21.52
CA ALA E 17 20.32 22.70 21.67
C ALA E 17 21.59 21.97 21.26
N GLU E 18 21.68 20.68 21.58
CA GLU E 18 22.85 19.88 21.23
C GLU E 18 22.93 19.64 19.72
N ALA E 19 21.81 19.32 19.10
CA ALA E 19 21.73 19.19 17.64
C ALA E 19 22.25 20.47 16.94
N LYS E 20 21.75 21.61 17.40
CA LYS E 20 22.16 22.91 16.89
C LYS E 20 23.67 23.12 17.04
N ALA E 21 24.21 22.78 18.24
CA ALA E 21 25.63 22.93 18.50
C ALA E 21 26.49 22.04 17.58
N VAL E 22 26.00 20.83 17.30
CA VAL E 22 26.68 19.94 16.34
C VAL E 22 26.74 20.55 14.93
N CYS E 23 25.59 21.00 14.42
CA CYS E 23 25.57 21.58 13.06
C CYS E 23 26.41 22.85 12.97
N GLU E 24 26.35 23.68 14.01
CA GLU E 24 27.13 24.92 14.08
C GLU E 24 28.64 24.65 14.13
N PHE E 25 29.05 23.63 14.88
CA PHE E 25 30.46 23.28 14.98
C PHE E 25 30.99 22.91 13.60
N GLU E 26 30.12 22.29 12.80
CA GLU E 26 30.53 21.78 11.48
C GLU E 26 30.44 22.86 10.41
N GLY E 27 30.11 24.08 10.83
CA GLY E 27 30.13 25.29 9.99
C GLY E 27 28.77 25.66 9.41
N GLY E 28 27.74 24.93 9.84
CA GLY E 28 26.39 25.12 9.34
C GLY E 28 25.32 25.38 10.38
N HIS E 29 24.12 24.90 10.09
CA HIS E 29 22.92 25.18 10.90
C HIS E 29 22.00 24.00 10.75
N LEU E 30 21.04 23.88 11.64
CA LEU E 30 19.99 22.89 11.46
C LEU E 30 19.29 23.12 10.12
N ALA E 31 19.04 22.04 9.39
CA ALA E 31 18.39 22.17 8.09
C ALA E 31 16.97 22.69 8.27
N THR E 32 16.55 23.54 7.35
CA THR E 32 15.16 23.94 7.26
C THR E 32 14.41 22.83 6.57
N TYR E 33 13.09 22.88 6.72
CA TYR E 33 12.23 21.93 6.04
C TYR E 33 12.42 22.00 4.54
N LYS E 34 12.46 23.23 4.01
CA LYS E 34 12.66 23.48 2.58
C LYS E 34 13.97 22.82 2.10
N GLN E 35 15.04 22.99 2.89
CA GLN E 35 16.35 22.40 2.60
C GLN E 35 16.30 20.87 2.67
N LEU E 36 15.62 20.33 3.70
CA LEU E 36 15.50 18.88 3.86
C LEU E 36 14.70 18.28 2.70
N GLU E 37 13.67 19.01 2.27
CA GLU E 37 12.85 18.63 1.13
CA GLU E 37 12.83 18.64 1.14
C GLU E 37 13.58 18.73 -0.20
N ALA E 38 14.37 19.79 -0.38
CA ALA E 38 15.09 20.00 -1.63
C ALA E 38 16.20 18.96 -1.78
N ALA E 39 16.77 18.56 -0.65
CA ALA E 39 17.69 17.43 -0.60
C ALA E 39 16.93 16.15 -0.92
N ARG E 40 15.81 15.92 -0.23
CA ARG E 40 14.99 14.72 -0.42
C ARG E 40 14.78 14.34 -1.89
N LYS E 41 14.27 15.30 -2.67
CA LYS E 41 13.93 15.08 -4.08
C LYS E 41 15.13 14.80 -4.97
N ILE E 42 16.34 15.10 -4.47
CA ILE E 42 17.59 14.78 -5.19
C ILE E 42 17.96 13.31 -4.97
N GLY E 43 17.63 12.79 -3.79
CA GLY E 43 17.87 11.39 -3.47
C GLY E 43 17.98 11.14 -1.97
N PHE E 44 18.38 12.17 -1.23
CA PHE E 44 18.53 12.12 0.23
C PHE E 44 17.40 11.41 1.01
N HIS E 45 17.67 10.15 1.35
CA HIS E 45 16.78 9.29 2.14
CA HIS E 45 16.77 9.33 2.15
C HIS E 45 17.48 8.86 3.44
N VAL E 46 16.84 9.11 4.58
CA VAL E 46 17.41 8.73 5.88
C VAL E 46 16.27 8.33 6.82
N CYS E 47 16.34 7.10 7.35
CA CYS E 47 15.33 6.61 8.29
C CYS E 47 15.78 6.75 9.75
N ALA E 48 15.87 8.01 10.17
CA ALA E 48 16.10 8.41 11.56
C ALA E 48 15.50 9.80 11.74
N ALA E 49 14.67 9.94 12.77
CA ALA E 49 14.07 11.24 13.07
C ALA E 49 15.12 12.21 13.65
N GLY E 50 15.13 13.44 13.16
CA GLY E 50 16.09 14.39 13.68
C GLY E 50 15.56 15.79 13.82
N TRP E 51 16.17 16.55 14.74
CA TRP E 51 15.95 17.98 14.88
C TRP E 51 16.26 18.73 13.58
N MET E 52 15.39 19.71 13.28
CA MET E 52 15.51 20.59 12.14
C MET E 52 15.35 22.01 12.65
N ALA E 53 15.49 23.00 11.77
CA ALA E 53 15.22 24.40 12.13
C ALA E 53 13.84 24.54 12.79
N LYS E 54 13.72 25.50 13.69
CA LYS E 54 12.46 25.87 14.30
C LYS E 54 12.01 24.85 15.35
N GLY E 55 12.84 23.85 15.58
CA GLY E 55 12.53 22.80 16.53
C GLY E 55 11.52 21.79 16.05
N ARG E 56 11.36 21.68 14.74
CA ARG E 56 10.67 20.54 14.16
C ARG E 56 11.53 19.27 14.26
N VAL E 57 10.87 18.12 14.34
CA VAL E 57 11.60 16.85 14.16
C VAL E 57 11.00 16.17 12.93
N GLY E 58 11.83 15.58 12.07
CA GLY E 58 11.28 14.86 10.94
C GLY E 58 12.25 13.84 10.37
N TYR E 59 11.82 13.17 9.30
CA TYR E 59 12.79 12.41 8.44
C TYR E 59 12.39 12.27 6.98
N PRO E 60 13.38 12.41 6.05
CA PRO E 60 13.14 12.27 4.62
C PRO E 60 13.03 10.82 4.18
N ILE E 61 12.06 10.53 3.30
CA ILE E 61 11.85 9.18 2.77
C ILE E 61 11.91 9.23 1.24
N GLY E 74 8.79 11.74 0.66
CA GLY E 74 8.16 12.60 1.67
C GLY E 74 9.03 12.81 2.90
N ILE E 75 8.62 13.74 3.75
CA ILE E 75 9.21 13.91 5.05
C ILE E 75 8.11 13.56 6.08
N ILE E 76 8.42 12.64 6.99
CA ILE E 76 7.48 12.27 8.00
C ILE E 76 7.66 13.30 9.11
N ASP E 77 6.56 13.98 9.46
CA ASP E 77 6.64 15.16 10.35
C ASP E 77 6.35 14.71 11.79
N TYR E 78 7.34 14.83 12.65
CA TYR E 78 7.15 14.60 14.09
C TYR E 78 6.70 15.87 14.83
N GLY E 79 6.50 16.95 14.05
CA GLY E 79 5.98 18.23 14.52
C GLY E 79 6.99 19.12 15.18
N ILE E 80 6.61 20.39 15.37
CA ILE E 80 7.44 21.26 16.21
C ILE E 80 7.23 20.81 17.66
N ARG E 81 8.32 20.44 18.33
CA ARG E 81 8.24 19.77 19.64
C ARG E 81 8.19 20.79 20.78
N LEU E 82 7.24 20.58 21.68
CA LEU E 82 7.14 21.46 22.86
C LEU E 82 8.37 21.32 23.74
N ASN E 83 8.78 20.07 23.98
CA ASN E 83 9.90 19.77 24.87
C ASN E 83 11.20 19.67 24.07
N ARG E 84 12.00 20.72 24.15
CA ARG E 84 13.25 20.78 23.40
CA ARG E 84 13.26 20.81 23.42
C ARG E 84 14.38 19.97 24.04
N SER E 85 14.04 19.23 25.11
CA SER E 85 14.97 18.32 25.75
C SER E 85 14.77 16.88 25.25
N GLU E 86 13.80 16.67 24.36
CA GLU E 86 13.65 15.38 23.71
C GLU E 86 14.94 15.02 22.97
N ARG E 87 15.30 13.73 22.96
CA ARG E 87 16.55 13.32 22.31
C ARG E 87 16.33 12.60 20.99
N TRP E 88 16.86 13.24 19.93
CA TRP E 88 16.70 12.76 18.57
C TRP E 88 18.06 12.87 17.85
N ASP E 89 18.06 12.70 16.54
CA ASP E 89 19.28 12.92 15.76
C ASP E 89 19.25 14.36 15.29
N ALA E 90 20.04 14.69 14.27
CA ALA E 90 20.08 16.07 13.75
C ALA E 90 20.19 16.03 12.23
N TYR E 91 19.55 17.00 11.57
CA TYR E 91 19.72 17.24 10.16
C TYR E 91 20.35 18.62 10.03
N CYS E 92 21.56 18.64 9.46
CA CYS E 92 22.33 19.86 9.27
C CYS E 92 22.30 20.30 7.83
N TYR E 93 22.33 21.61 7.64
CA TYR E 93 22.57 22.15 6.32
C TYR E 93 23.90 22.90 6.33
N ASN E 94 24.77 22.55 5.39
CA ASN E 94 26.04 23.23 5.15
C ASN E 94 26.22 23.42 3.63
N PRO E 95 26.25 24.67 3.15
CA PRO E 95 26.49 25.01 1.74
C PRO E 95 27.69 24.31 1.09
N HIS E 96 28.68 23.97 1.91
CA HIS E 96 29.89 23.26 1.46
C HIS E 96 29.73 21.74 1.41
N ALA E 97 28.69 21.20 2.06
CA ALA E 97 28.44 19.76 2.04
C ALA E 97 27.96 19.29 0.67
#